data_9KE9
#
_entry.id   9KE9
#
_cell.length_a   70.266
_cell.length_b   70.266
_cell.length_c   79.641
_cell.angle_alpha   90.00
_cell.angle_beta   90.00
_cell.angle_gamma   120.00
#
_symmetry.space_group_name_H-M   'P 31 2 1'
#
loop_
_entity.id
_entity.type
_entity.pdbx_description
1 polymer 'Peptidyl-prolyl cis-trans isomerase NIMA-interacting 1'
2 non-polymer (2H-1,3-benzodioxol-5-yl)methanol
3 non-polymer 3,6,9,12,15,18,21-HEPTAOXATRICOSANE-1,23-DIOL
4 non-polymer 'SULFATE ION'
5 water water
#
_entity_poly.entity_id   1
_entity_poly.type   'polypeptide(L)'
_entity_poly.pdbx_seq_one_letter_code
;MADEEKLPPGWEKAMSRSSGRVYYFNHITNASQWERPSGNSSSGGKNGQGEPARVRCSHLLVKHSQSRRPSSWRQEKITR
TKEEALELINGYIQKIKSGEEDFESLASQFSDCSSAKARGDLGAFSRGQMQKPFEDASFALRTGEMSGPVFTDSGIHIIL
RTE
;
_entity_poly.pdbx_strand_id   A
#
loop_
_chem_comp.id
_chem_comp.type
_chem_comp.name
_chem_comp.formula
A1BDV non-polymer (2H-1,3-benzodioxol-5-yl)methanol 'C8 H8 O3'
PE8 non-polymer 3,6,9,12,15,18,21-HEPTAOXATRICOSANE-1,23-DIOL 'C16 H34 O9'
SO4 non-polymer 'SULFATE ION' 'O4 S -2'
#
# COMPACT_ATOMS: atom_id res chain seq x y z
N LYS A 6 5.96 11.39 -21.42
CA LYS A 6 5.04 12.45 -21.00
C LYS A 6 4.89 12.50 -19.48
N LEU A 7 4.81 11.31 -18.87
CA LEU A 7 4.57 11.19 -17.43
C LEU A 7 5.50 10.13 -16.84
N PRO A 8 5.78 10.23 -15.55
CA PRO A 8 6.62 9.24 -14.84
C PRO A 8 6.16 7.81 -15.07
N PRO A 9 6.94 6.81 -14.63
CA PRO A 9 6.62 5.43 -15.00
C PRO A 9 5.31 4.96 -14.38
N GLY A 10 4.41 4.43 -15.23
CA GLY A 10 3.20 3.80 -14.77
C GLY A 10 2.01 4.72 -14.56
N TRP A 11 2.14 6.01 -14.83
CA TRP A 11 1.01 6.93 -14.65
C TRP A 11 0.23 7.08 -15.95
N GLU A 12 -1.07 7.35 -15.80
CA GLU A 12 -1.95 7.64 -16.91
C GLU A 12 -3.00 8.65 -16.46
N LYS A 13 -3.48 9.46 -17.40
CA LYS A 13 -4.58 10.38 -17.13
C LYS A 13 -5.91 9.63 -17.05
N ALA A 14 -6.82 10.14 -16.23
CA ALA A 14 -8.15 9.55 -16.12
C ALA A 14 -9.14 10.67 -15.82
N MET A 15 -10.42 10.31 -15.79
CA MET A 15 -11.49 11.27 -15.60
C MET A 15 -12.36 10.88 -14.42
N SER A 16 -12.66 11.86 -13.57
CA SER A 16 -13.52 11.60 -12.43
C SER A 16 -14.96 11.48 -12.90
N ARG A 17 -15.61 10.38 -12.49
CA ARG A 17 -17.01 10.18 -12.86
C ARG A 17 -17.95 11.12 -12.12
N SER A 18 -17.66 11.44 -10.85
CA SER A 18 -18.57 12.28 -10.09
C SER A 18 -18.33 13.77 -10.31
N SER A 19 -17.10 14.17 -10.65
CA SER A 19 -16.77 15.59 -10.82
C SER A 19 -16.50 15.98 -12.27
N GLY A 20 -16.06 15.06 -13.11
CA GLY A 20 -15.62 15.43 -14.44
C GLY A 20 -14.24 16.06 -14.50
N ARG A 21 -13.52 16.15 -13.39
CA ARG A 21 -12.14 16.63 -13.41
C ARG A 21 -11.19 15.48 -13.73
N VAL A 22 -10.11 15.81 -14.44
CA VAL A 22 -9.05 14.85 -14.70
C VAL A 22 -8.27 14.56 -13.41
N TYR A 23 -7.78 13.34 -13.31
CA TYR A 23 -6.86 12.99 -12.25
C TYR A 23 -5.84 12.02 -12.81
N TYR A 24 -4.93 11.56 -11.97
CA TYR A 24 -3.82 10.74 -12.40
C TYR A 24 -3.78 9.47 -11.57
N PHE A 25 -3.60 8.34 -12.26
CA PHE A 25 -3.64 7.03 -11.67
C PHE A 25 -2.35 6.29 -12.04
N ASN A 26 -1.82 5.50 -11.11
CA ASN A 26 -0.61 4.72 -11.34
C ASN A 26 -0.99 3.24 -11.31
N HIS A 27 -0.69 2.51 -12.39
CA HIS A 27 -1.12 1.12 -12.49
C HIS A 27 -0.14 0.14 -11.87
N ILE A 28 1.01 0.61 -11.40
CA ILE A 28 1.95 -0.22 -10.65
C ILE A 28 1.72 -0.09 -9.14
N THR A 29 1.45 1.11 -8.63
CA THR A 29 1.27 1.32 -7.20
C THR A 29 -0.17 1.52 -6.80
N ASN A 30 -1.10 1.62 -7.77
CA ASN A 30 -2.52 1.84 -7.53
C ASN A 30 -2.80 3.15 -6.81
N ALA A 31 -1.81 4.05 -6.80
CA ALA A 31 -2.05 5.39 -6.29
C ALA A 31 -2.88 6.20 -7.28
N SER A 32 -3.55 7.22 -6.75
CA SER A 32 -4.32 8.14 -7.58
C SER A 32 -4.34 9.48 -6.88
N GLN A 33 -4.37 10.56 -7.68
CA GLN A 33 -4.22 11.90 -7.14
C GLN A 33 -4.69 12.89 -8.19
N TRP A 34 -5.00 14.12 -7.73
CA TRP A 34 -5.54 15.13 -8.64
C TRP A 34 -4.44 15.83 -9.44
N GLU A 35 -3.27 16.05 -8.85
CA GLU A 35 -2.25 16.87 -9.50
C GLU A 35 -1.28 16.05 -10.33
N ARG A 36 -0.83 16.65 -11.44
CA ARG A 36 0.09 16.01 -12.37
C ARG A 36 1.35 15.54 -11.62
N PRO A 37 1.77 14.30 -11.79
CA PRO A 37 2.86 13.76 -10.96
C PRO A 37 4.21 14.35 -11.31
N SER A 38 5.11 14.30 -10.32
CA SER A 38 6.39 14.99 -10.32
C SER A 38 7.48 14.19 -11.04
N GLY A 39 8.51 14.92 -11.49
CA GLY A 39 9.72 14.34 -12.06
C GLY A 39 9.55 13.25 -13.11
N GLU A 51 17.24 4.05 -11.33
CA GLU A 51 16.51 3.66 -10.13
C GLU A 51 17.49 3.13 -9.08
N PRO A 52 17.15 3.31 -7.80
CA PRO A 52 18.10 2.99 -6.73
C PRO A 52 18.20 1.50 -6.46
N ALA A 53 19.38 1.07 -6.02
CA ALA A 53 19.59 -0.34 -5.77
C ALA A 53 18.73 -0.84 -4.63
N ARG A 54 18.46 0.01 -3.63
CA ARG A 54 17.67 -0.37 -2.48
C ARG A 54 16.61 0.70 -2.21
N VAL A 55 15.53 0.29 -1.55
CA VAL A 55 14.50 1.20 -1.05
C VAL A 55 14.11 0.71 0.34
N ARG A 56 13.62 1.64 1.15
CA ARG A 56 13.08 1.35 2.46
C ARG A 56 11.61 1.69 2.48
N CYS A 57 10.78 0.77 2.98
CA CYS A 57 9.34 0.97 3.02
C CYS A 57 8.79 0.49 4.34
N SER A 58 7.64 1.06 4.72
CA SER A 58 6.76 0.48 5.71
C SER A 58 5.44 0.09 5.04
N HIS A 59 4.70 -0.83 5.66
CA HIS A 59 3.45 -1.25 5.07
C HIS A 59 2.44 -1.59 6.16
N LEU A 60 1.18 -1.56 5.76
CA LEU A 60 0.06 -2.03 6.57
C LEU A 60 -0.59 -3.15 5.79
N LEU A 61 -0.61 -4.35 6.37
CA LEU A 61 -1.17 -5.51 5.68
C LEU A 61 -2.48 -5.94 6.34
N VAL A 62 -3.49 -6.19 5.52
CA VAL A 62 -4.75 -6.79 5.96
C VAL A 62 -4.86 -8.13 5.28
N LYS A 63 -4.82 -9.21 6.05
CA LYS A 63 -4.91 -10.54 5.49
C LYS A 63 -6.38 -10.91 5.27
N HIS A 64 -6.59 -11.96 4.48
CA HIS A 64 -7.94 -12.51 4.26
C HIS A 64 -7.83 -14.03 4.20
N SER A 65 -8.97 -14.67 3.95
CA SER A 65 -9.04 -16.13 4.08
C SER A 65 -8.26 -16.87 3.01
N GLN A 66 -7.93 -16.23 1.88
CA GLN A 66 -7.07 -16.83 0.87
C GLN A 66 -5.61 -16.39 0.99
N SER A 67 -5.23 -15.76 2.11
CA SER A 67 -3.82 -15.46 2.36
C SER A 67 -3.02 -16.75 2.49
N ARG A 68 -1.77 -16.69 2.02
CA ARG A 68 -0.88 -17.86 2.11
C ARG A 68 -0.83 -18.46 3.50
N ARG A 69 -0.94 -17.63 4.55
CA ARG A 69 -1.11 -18.12 5.92
C ARG A 69 -2.15 -17.24 6.60
N PRO A 70 -3.40 -17.72 6.71
CA PRO A 70 -4.51 -16.89 7.23
C PRO A 70 -4.52 -16.82 8.75
N SER A 71 -3.46 -16.25 9.32
CA SER A 71 -3.33 -16.05 10.76
C SER A 71 -2.34 -14.93 11.00
N SER A 72 -2.51 -14.24 12.12
CA SER A 72 -1.61 -13.16 12.50
C SER A 72 -1.64 -13.01 14.01
N TRP A 73 -0.75 -12.15 14.51
CA TRP A 73 -0.74 -11.79 15.94
C TRP A 73 -2.05 -11.17 16.40
N ARG A 74 -2.85 -10.62 15.46
CA ARG A 74 -4.15 -10.07 15.80
C ARG A 74 -5.22 -11.15 15.91
N GLN A 75 -5.07 -12.27 15.20
CA GLN A 75 -6.13 -13.27 15.12
C GLN A 75 -5.53 -14.63 14.82
N GLU A 76 -5.83 -15.60 15.70
CA GLU A 76 -5.39 -16.98 15.48
C GLU A 76 -5.88 -17.50 14.14
N LYS A 77 -7.09 -17.12 13.73
CA LYS A 77 -7.73 -17.62 12.53
C LYS A 77 -8.42 -16.46 11.83
N ILE A 78 -7.83 -15.98 10.74
CA ILE A 78 -8.35 -14.85 9.99
C ILE A 78 -9.43 -15.37 9.03
N THR A 79 -10.63 -14.81 9.16
CA THR A 79 -11.85 -15.30 8.52
C THR A 79 -12.43 -14.36 7.47
N ARG A 80 -12.02 -13.10 7.45
CA ARG A 80 -12.58 -12.16 6.49
C ARG A 80 -12.22 -12.56 5.07
N THR A 81 -13.05 -12.12 4.12
CA THR A 81 -12.87 -12.36 2.70
C THR A 81 -11.98 -11.29 2.07
N LYS A 82 -11.50 -11.57 0.85
CA LYS A 82 -10.75 -10.59 0.09
C LYS A 82 -11.50 -9.27 -0.02
N GLU A 83 -12.80 -9.34 -0.32
CA GLU A 83 -13.57 -8.11 -0.49
C GLU A 83 -13.62 -7.28 0.79
N GLU A 84 -13.80 -7.94 1.93
CA GLU A 84 -13.83 -7.23 3.21
C GLU A 84 -12.47 -6.61 3.51
N ALA A 85 -11.39 -7.35 3.25
CA ALA A 85 -10.05 -6.81 3.43
C ALA A 85 -9.83 -5.55 2.60
N LEU A 86 -10.33 -5.55 1.35
CA LEU A 86 -10.19 -4.37 0.52
C LEU A 86 -10.93 -3.19 1.10
N GLU A 87 -12.12 -3.43 1.66
CA GLU A 87 -12.89 -2.38 2.29
C GLU A 87 -12.13 -1.76 3.47
N LEU A 88 -11.48 -2.59 4.28
CA LEU A 88 -10.70 -2.10 5.41
C LEU A 88 -9.49 -1.30 4.93
N ILE A 89 -8.77 -1.84 3.94
CA ILE A 89 -7.65 -1.13 3.33
C ILE A 89 -8.10 0.23 2.80
N ASN A 90 -9.28 0.26 2.16
CA ASN A 90 -9.80 1.50 1.59
C ASN A 90 -10.09 2.54 2.66
N GLY A 91 -10.69 2.13 3.77
CA GLY A 91 -10.97 3.08 4.83
C GLY A 91 -9.73 3.62 5.50
N TYR A 92 -8.73 2.75 5.72
CA TYR A 92 -7.47 3.23 6.28
C TYR A 92 -6.83 4.28 5.38
N ILE A 93 -6.91 4.08 4.06
CA ILE A 93 -6.35 5.05 3.11
C ILE A 93 -7.10 6.37 3.19
N GLN A 94 -8.44 6.31 3.36
CA GLN A 94 -9.23 7.52 3.51
C GLN A 94 -8.79 8.33 4.73
N LYS A 95 -8.66 7.67 5.89
CA LYS A 95 -8.31 8.40 7.10
C LYS A 95 -6.89 8.92 7.01
N ILE A 96 -6.00 8.20 6.34
CA ILE A 96 -4.63 8.68 6.20
C ILE A 96 -4.59 9.94 5.34
N LYS A 97 -5.34 9.94 4.23
CA LYS A 97 -5.30 11.04 3.28
C LYS A 97 -5.99 12.30 3.81
N SER A 98 -6.94 12.15 4.73
CA SER A 98 -7.59 13.31 5.34
C SER A 98 -6.88 13.80 6.60
N GLY A 99 -5.86 13.09 7.07
CA GLY A 99 -5.14 13.49 8.25
C GLY A 99 -5.77 13.09 9.57
N GLU A 100 -6.91 12.38 9.57
CA GLU A 100 -7.49 11.96 10.85
C GLU A 100 -6.63 10.91 11.54
N GLU A 101 -5.87 10.14 10.78
CA GLU A 101 -5.01 9.08 11.32
C GLU A 101 -3.67 9.12 10.64
N ASP A 102 -2.64 8.72 11.36
CA ASP A 102 -1.32 8.59 10.79
C ASP A 102 -1.09 7.15 10.36
N PHE A 103 -0.35 6.99 9.27
CA PHE A 103 -0.03 5.67 8.76
C PHE A 103 0.59 4.77 9.83
N GLU A 104 1.57 5.30 10.58
CA GLU A 104 2.27 4.47 11.56
C GLU A 104 1.34 4.05 12.67
N SER A 105 0.42 4.93 13.05
CA SER A 105 -0.55 4.62 14.09
C SER A 105 -1.47 3.47 13.66
N LEU A 106 -1.90 3.48 12.39
CA LEU A 106 -2.77 2.42 11.89
C LEU A 106 -2.01 1.11 11.65
N ALA A 107 -0.79 1.20 11.12
CA ALA A 107 -0.01 -0.03 10.97
C ALA A 107 0.25 -0.68 12.33
N SER A 108 0.48 0.11 13.38
CA SER A 108 0.73 -0.49 14.70
C SER A 108 -0.51 -1.17 15.26
N GLN A 109 -1.69 -0.60 15.03
CA GLN A 109 -2.89 -1.17 15.63
C GLN A 109 -3.49 -2.29 14.79
N PHE A 110 -3.37 -2.23 13.46
CA PHE A 110 -4.21 -3.04 12.61
C PHE A 110 -3.48 -3.85 11.53
N SER A 111 -2.16 -3.76 11.41
CA SER A 111 -1.46 -4.53 10.38
C SER A 111 -1.29 -5.99 10.82
N ASP A 112 -1.64 -6.92 9.93
CA ASP A 112 -1.54 -8.35 10.20
C ASP A 112 -0.12 -8.91 10.02
N CYS A 113 0.87 -8.05 9.90
CA CYS A 113 2.28 -8.41 9.80
C CYS A 113 2.95 -8.18 11.15
N SER A 114 3.90 -9.04 11.51
CA SER A 114 4.64 -8.83 12.74
C SER A 114 5.37 -7.49 12.76
N SER A 115 5.55 -6.86 11.58
CA SER A 115 6.16 -5.54 11.51
C SER A 115 5.25 -4.44 12.04
N ALA A 116 4.01 -4.78 12.43
CA ALA A 116 3.20 -3.86 13.22
C ALA A 116 3.97 -3.33 14.43
N LYS A 117 4.77 -4.20 15.09
CA LYS A 117 5.53 -3.77 16.27
C LYS A 117 6.50 -2.64 15.96
N ALA A 118 7.02 -2.59 14.73
CA ALA A 118 7.92 -1.51 14.32
C ALA A 118 7.20 -0.43 13.55
N ARG A 119 5.92 -0.19 13.86
CA ARG A 119 5.10 0.80 13.14
C ARG A 119 5.10 0.52 11.64
N GLY A 120 5.19 -0.75 11.26
CA GLY A 120 5.10 -1.16 9.89
C GLY A 120 6.40 -1.15 9.11
N ASP A 121 7.49 -0.70 9.72
CA ASP A 121 8.78 -0.63 9.03
C ASP A 121 9.34 -2.01 8.73
N LEU A 122 9.85 -2.17 7.50
CA LEU A 122 10.46 -3.41 7.03
C LEU A 122 11.97 -3.33 6.85
N GLY A 123 12.55 -2.13 6.91
CA GLY A 123 13.95 -1.96 6.61
C GLY A 123 14.18 -1.83 5.11
N ALA A 124 15.45 -1.69 4.74
CA ALA A 124 15.81 -1.50 3.34
C ALA A 124 15.86 -2.85 2.61
N PHE A 125 15.44 -2.84 1.35
CA PHE A 125 15.52 -4.07 0.56
C PHE A 125 15.83 -3.76 -0.91
N SER A 126 16.40 -4.76 -1.57
CA SER A 126 16.76 -4.75 -2.97
C SER A 126 15.76 -5.56 -3.79
N ARG A 127 15.86 -5.48 -5.12
CA ARG A 127 14.98 -6.28 -5.96
C ARG A 127 15.31 -7.76 -5.82
N GLY A 128 14.27 -8.59 -5.87
CA GLY A 128 14.40 -10.02 -5.78
C GLY A 128 14.16 -10.61 -4.39
N GLN A 129 13.87 -9.78 -3.40
CA GLN A 129 13.62 -10.34 -2.07
C GLN A 129 12.15 -10.30 -1.65
N MET A 130 11.34 -9.36 -2.13
CA MET A 130 9.93 -9.34 -1.76
C MET A 130 9.05 -10.03 -2.81
N GLN A 131 7.80 -10.28 -2.40
CA GLN A 131 6.78 -10.72 -3.34
C GLN A 131 6.62 -9.65 -4.40
N LYS A 132 6.49 -10.10 -5.63
CA LYS A 132 6.82 -9.17 -6.70
C LYS A 132 5.85 -8.00 -6.91
N PRO A 133 4.53 -8.14 -6.72
CA PRO A 133 3.69 -6.93 -6.71
C PRO A 133 4.15 -5.91 -5.69
N PHE A 134 4.46 -6.37 -4.47
CA PHE A 134 5.00 -5.48 -3.46
C PHE A 134 6.27 -4.80 -3.96
N GLU A 135 7.22 -5.60 -4.46
CA GLU A 135 8.48 -5.08 -4.95
C GLU A 135 8.28 -4.01 -6.03
N ASP A 136 7.45 -4.29 -7.04
CA ASP A 136 7.27 -3.35 -8.14
C ASP A 136 6.68 -2.04 -7.64
N ALA A 137 5.69 -2.10 -6.74
CA ALA A 137 5.09 -0.88 -6.23
C ALA A 137 6.08 -0.10 -5.38
N SER A 138 6.86 -0.78 -4.54
CA SER A 138 7.82 -0.10 -3.69
C SER A 138 8.81 0.72 -4.52
N PHE A 139 9.41 0.08 -5.53
CA PHE A 139 10.42 0.76 -6.35
C PHE A 139 9.82 1.81 -7.28
N ALA A 140 8.52 1.74 -7.56
CA ALA A 140 7.83 2.75 -8.34
C ALA A 140 7.31 3.93 -7.50
N LEU A 141 7.31 3.81 -6.18
CA LEU A 141 7.01 4.97 -5.36
C LEU A 141 8.20 5.93 -5.37
N ARG A 142 7.90 7.23 -5.31
CA ARG A 142 8.91 8.21 -4.98
C ARG A 142 9.05 8.26 -3.45
N THR A 143 10.19 8.80 -2.98
CA THR A 143 10.42 8.92 -1.54
C THR A 143 9.34 9.78 -0.89
N GLY A 144 8.75 9.25 0.20
CA GLY A 144 7.69 9.93 0.91
C GLY A 144 6.29 9.61 0.44
N GLU A 145 6.16 8.79 -0.61
CA GLU A 145 4.92 8.53 -1.33
C GLU A 145 4.29 7.22 -0.87
N MET A 146 2.97 7.17 -0.95
CA MET A 146 2.19 6.02 -0.52
C MET A 146 1.42 5.43 -1.70
N SER A 147 1.24 4.12 -1.67
CA SER A 147 0.51 3.36 -2.68
C SER A 147 -0.99 3.33 -2.35
N GLY A 148 -1.77 2.82 -3.29
CA GLY A 148 -3.09 2.34 -2.99
C GLY A 148 -3.01 0.88 -2.64
N PRO A 149 -4.13 0.16 -2.70
CA PRO A 149 -4.09 -1.29 -2.41
C PRO A 149 -3.14 -2.00 -3.35
N VAL A 150 -2.22 -2.78 -2.78
CA VAL A 150 -1.32 -3.64 -3.57
C VAL A 150 -1.54 -5.08 -3.12
N PHE A 151 -1.82 -5.95 -4.08
CA PHE A 151 -2.21 -7.33 -3.80
C PHE A 151 -1.01 -8.27 -3.92
N THR A 152 -0.82 -9.13 -2.91
CA THR A 152 0.15 -10.23 -2.95
C THR A 152 -0.54 -11.49 -2.44
N ASP A 153 0.23 -12.58 -2.36
CA ASP A 153 -0.26 -13.79 -1.74
C ASP A 153 -0.41 -13.70 -0.23
N SER A 154 0.09 -12.63 0.41
CA SER A 154 -0.13 -12.44 1.83
C SER A 154 -1.48 -11.80 2.12
N GLY A 155 -1.98 -10.96 1.24
CA GLY A 155 -3.14 -10.14 1.52
C GLY A 155 -3.09 -8.84 0.74
N ILE A 156 -3.61 -7.77 1.34
CA ILE A 156 -3.66 -6.45 0.70
C ILE A 156 -2.81 -5.48 1.52
N HIS A 157 -1.90 -4.78 0.85
CA HIS A 157 -0.95 -3.87 1.50
C HIS A 157 -1.25 -2.42 1.17
N ILE A 158 -0.96 -1.55 2.13
CA ILE A 158 -0.66 -0.14 1.87
C ILE A 158 0.83 0.04 2.11
N ILE A 159 1.53 0.67 1.16
CA ILE A 159 2.98 0.78 1.21
C ILE A 159 3.37 2.25 1.32
N LEU A 160 4.30 2.53 2.22
CA LEU A 160 4.86 3.86 2.34
C LEU A 160 6.36 3.75 2.15
N ARG A 161 6.87 4.38 1.10
CA ARG A 161 8.29 4.38 0.84
C ARG A 161 8.92 5.50 1.66
N THR A 162 9.82 5.12 2.59
CA THR A 162 10.42 6.09 3.48
C THR A 162 11.83 6.49 3.06
N GLU A 163 12.49 5.71 2.21
CA GLU A 163 13.85 6.02 1.75
C GLU A 163 14.10 5.50 0.35
C02 A1BDV B . 6.08 -8.63 0.20
C03 A1BDV B . 5.82 -8.74 1.68
C04 A1BDV B . 6.62 -8.06 2.59
C05 A1BDV B . 6.43 -8.19 3.97
C06 A1BDV B . 5.39 -8.97 4.38
C08 A1BDV B . 3.69 -9.85 5.50
C10 A1BDV B . 4.59 -9.64 3.48
C11 A1BDV B . 4.79 -9.56 2.13
O01 A1BDV B . 6.99 -9.64 -0.21
O07 A1BDV B . 4.98 -9.26 5.67
O09 A1BDV B . 3.64 -10.37 4.16
C02 A1BDV C . 8.93 -9.01 8.65
C03 A1BDV C . 9.47 -8.06 9.68
C04 A1BDV C . 10.37 -7.06 9.34
C05 A1BDV C . 10.89 -6.16 10.27
C06 A1BDV C . 10.47 -6.30 11.56
C08 A1BDV C . 10.32 -6.31 13.76
C10 A1BDV C . 9.57 -7.28 11.92
C11 A1BDV C . 9.05 -8.16 11.01
O01 A1BDV C . 7.73 -9.61 9.10
O07 A1BDV C . 10.81 -5.56 12.66
O09 A1BDV C . 9.32 -7.19 13.26
O1 PE8 D . -12.38 3.71 -2.88
C2 PE8 D . -12.31 3.94 -4.28
C3 PE8 D . -11.06 4.69 -4.67
O4 PE8 D . -11.14 5.03 -6.06
C5 PE8 D . -10.02 5.78 -6.51
C6 PE8 D . -10.31 6.40 -7.85
O7 PE8 D . -11.55 7.09 -7.77
C8 PE8 D . -11.55 8.33 -8.47
C9 PE8 D . -10.48 9.20 -7.91
O10 PE8 D . -10.69 10.53 -8.33
C11 PE8 D . -9.59 11.38 -8.06
C12 PE8 D . -9.23 11.31 -6.62
O13 PE8 D . -8.14 12.18 -6.41
C14 PE8 D . -7.45 11.91 -5.19
C15 PE8 D . -8.44 11.88 -4.09
O16 PE8 D . -8.11 10.79 -3.24
C17 PE8 D . -9.24 10.33 -2.48
C18 PE8 D . -8.83 9.13 -1.71
O19 PE8 D . -8.04 8.27 -2.52
C20 PE8 D . -8.27 6.90 -2.23
C21 PE8 D . -7.36 6.04 -3.04
O22 PE8 D . -6.01 6.35 -2.73
C23 PE8 D . -5.08 5.44 -3.30
C24 PE8 D . -3.69 5.88 -2.98
O25 PE8 D . -3.37 7.11 -3.59
S SO4 E . 13.17 9.57 -5.32
O1 SO4 E . 13.48 10.72 -6.16
O2 SO4 E . 13.19 8.33 -6.12
O3 SO4 E . 14.17 9.49 -4.23
O4 SO4 E . 11.84 9.77 -4.73
S SO4 F . 2.08 -15.00 4.55
O1 SO4 F . 2.70 -13.97 3.70
O2 SO4 F . 0.61 -14.99 4.38
O3 SO4 F . 2.67 -16.28 4.14
O4 SO4 F . 2.39 -14.75 5.98
#